data_1U4O
#
_entry.id   1U4O
#
_cell.length_a   80.196
_cell.length_b   85.225
_cell.length_c   92.232
_cell.angle_alpha   90.00
_cell.angle_beta   90.00
_cell.angle_gamma   90.00
#
_symmetry.space_group_name_H-M   'I 2 2 2'
#
loop_
_entity.id
_entity.type
_entity.pdbx_description
1 polymer 'L-lactate dehydrogenase'
2 non-polymer 2,6-DICARBOXYNAPHTHALENE
3 non-polymer (4S)-2-METHYL-2,4-PENTANEDIOL
4 water water
#
_entity_poly.entity_id   1
_entity_poly.type   'polypeptide(L)'
_entity_poly.pdbx_seq_one_letter_code
;APKAKIVLVGSGMIGGVMATLIVQKNLGDVVLFDIVKNMPHGKALDTSHTNVMAYSNCKVSGSNTYDDLAGADVVIVTAG
FTKAPGKSDKEWNRDDLLPLNNKIMIEIGGHIKKNCPNAFIIVVTNPVDVMVQLLHQHSGVPKNKIIGLGGVLDTSRLKY
YISQKLNVCPRDVNAHIVGAHGNKMVLLKRYITVGGIPLQEFINNKLISDAELEAIFDRTVNTALEIVNLHASPYVAPAA
AIIEMAESYLKDLKKVLICSTLLEGQYGHSDIFGGTPVVLGANGVEQVIELQLNSEEKAKFDEAIAETKRMKALAHHHHH
H
;
_entity_poly.pdbx_strand_id   A
#
loop_
_chem_comp.id
_chem_comp.type
_chem_comp.name
_chem_comp.formula
MPD non-polymer (4S)-2-METHYL-2,4-PENTANEDIOL 'C6 H14 O2'
NDD non-polymer 2,6-DICARBOXYNAPHTHALENE 'C12 H8 O4'
#
# COMPACT_ATOMS: atom_id res chain seq x y z
N ALA A 1 13.64 -17.36 -17.38
CA ALA A 1 12.63 -16.60 -18.17
C ALA A 1 12.63 -15.11 -17.80
N PRO A 2 12.16 -14.30 -18.73
CA PRO A 2 11.96 -12.87 -18.49
C PRO A 2 10.59 -12.59 -17.85
N LYS A 3 9.83 -13.62 -17.44
CA LYS A 3 8.75 -13.40 -16.49
C LYS A 3 9.33 -12.58 -15.33
N ALA A 4 8.51 -11.69 -14.77
CA ALA A 4 8.87 -10.95 -13.58
C ALA A 4 9.04 -11.91 -12.41
N LYS A 5 9.95 -11.57 -11.50
CA LYS A 5 10.11 -12.29 -10.26
C LYS A 5 9.61 -11.36 -9.15
N ILE A 6 8.66 -11.82 -8.37
CA ILE A 6 8.00 -10.98 -7.35
C ILE A 6 8.26 -11.65 -6.02
N VAL A 7 9.01 -10.97 -5.14
CA VAL A 7 9.34 -11.54 -3.83
C VAL A 7 8.50 -10.87 -2.76
N LEU A 8 7.76 -11.71 -2.04
CA LEU A 8 6.95 -11.29 -0.93
C LEU A 8 7.76 -11.53 0.33
N VAL A 9 8.29 -10.46 0.90
CA VAL A 9 9.08 -10.52 2.14
C VAL A 9 8.10 -10.43 3.28
N GLY A 10 7.72 -11.61 3.76
CA GLY A 10 6.61 -11.78 4.67
C GLY A 10 5.53 -12.63 4.02
N SER A 11 5.25 -13.78 4.62
CA SER A 11 4.35 -14.76 4.05
C SER A 11 3.21 -15.07 5.01
N GLY A 12 2.70 -14.03 5.66
CA GLY A 12 1.56 -14.17 6.55
C GLY A 12 0.25 -14.20 5.77
N MET A 13 -0.83 -13.78 6.41
CA MET A 13 -2.13 -13.90 5.79
C MET A 13 -2.22 -13.06 4.50
N ILE A 14 -1.75 -11.83 4.56
CA ILE A 14 -1.73 -10.96 3.36
C ILE A 14 -0.87 -11.53 2.25
N GLY A 15 0.23 -12.18 2.63
CA GLY A 15 1.10 -12.81 1.64
C GLY A 15 0.41 -13.88 0.82
N GLY A 16 -0.39 -14.72 1.47
CA GLY A 16 -1.03 -15.82 0.78
C GLY A 16 -2.07 -15.30 -0.21
N VAL A 17 -2.81 -14.08 0.23
CA VAL A 17 -3.79 -13.58 -0.72
C VAL A 17 -3.04 -12.96 -1.89
N MET A 18 -1.94 -12.28 -1.62
CA MET A 18 -1.16 -11.69 -2.71
C MET A 18 -0.69 -12.76 -3.73
N ALA A 19 -0.17 -13.86 -3.23
CA ALA A 19 0.28 -14.95 -4.09
C ALA A 19 -0.87 -15.46 -4.95
N THR A 20 -2.04 -15.65 -4.33
CA THR A 20 -3.23 -16.14 -5.02
C THR A 20 -3.57 -15.21 -6.17
N LEU A 21 -3.61 -13.91 -5.90
CA LEU A 21 -3.98 -12.94 -6.90
C LEU A 21 -2.94 -12.83 -8.03
N ILE A 22 -1.65 -12.96 -7.71
CA ILE A 22 -0.60 -12.93 -8.75
C ILE A 22 -0.79 -14.08 -9.75
N VAL A 23 -1.09 -15.28 -9.23
CA VAL A 23 -1.36 -16.43 -10.11
C VAL A 23 -2.64 -16.23 -10.92
N GLN A 24 -3.70 -15.73 -10.28
CA GLN A 24 -4.96 -15.45 -11.01
C GLN A 24 -4.69 -14.56 -12.20
N LYS A 25 -3.81 -13.57 -12.00
CA LYS A 25 -3.53 -12.55 -12.99
C LYS A 25 -2.29 -12.89 -13.82
N ASN A 26 -1.67 -14.04 -13.54
CA ASN A 26 -0.48 -14.49 -14.28
C ASN A 26 0.58 -13.39 -14.33
N LEU A 27 0.85 -12.74 -13.21
CA LEU A 27 1.66 -11.51 -13.20
C LEU A 27 3.16 -11.77 -13.18
N GLY A 28 3.54 -12.92 -12.65
CA GLY A 28 4.93 -13.32 -12.60
C GLY A 28 5.17 -14.46 -11.61
N ASP A 29 6.40 -14.95 -11.59
CA ASP A 29 6.81 -15.91 -10.57
C ASP A 29 6.82 -15.22 -9.19
N VAL A 30 6.46 -16.15 -8.14
CA VAL A 30 6.35 -15.59 -6.80
C VAL A 30 7.26 -16.34 -5.90
N VAL A 31 7.97 -15.59 -5.05
CA VAL A 31 8.62 -16.19 -3.89
C VAL A 31 7.96 -15.72 -2.60
N LEU A 32 7.45 -16.67 -1.83
CA LEU A 32 7.00 -16.41 -0.47
C LEU A 32 8.16 -16.59 0.47
N PHE A 33 8.71 -15.48 0.92
CA PHE A 33 9.82 -15.46 1.90
C PHE A 33 9.27 -15.20 3.28
N ASP A 34 9.85 -15.91 4.25
CA ASP A 34 9.53 -15.65 5.63
C ASP A 34 10.62 -16.27 6.50
N ILE A 35 10.80 -15.72 7.68
CA ILE A 35 11.76 -16.29 8.63
C ILE A 35 11.21 -17.58 9.24
N VAL A 36 9.90 -17.78 9.25
CA VAL A 36 9.29 -19.00 9.78
C VAL A 36 9.63 -20.20 8.87
N LYS A 37 10.18 -21.26 9.46
CA LYS A 37 10.56 -22.46 8.71
C LYS A 37 9.32 -23.15 8.14
N ASN A 38 9.44 -23.67 6.92
CA ASN A 38 8.50 -24.63 6.30
C ASN A 38 7.21 -23.98 5.78
N MET A 39 6.56 -23.17 6.61
CA MET A 39 5.28 -22.53 6.29
C MET A 39 5.22 -21.89 4.89
N PRO A 40 6.19 -21.06 4.51
CA PRO A 40 6.12 -20.46 3.15
C PRO A 40 6.15 -21.50 2.05
N HIS A 41 6.90 -22.60 2.23
CA HIS A 41 6.91 -23.69 1.25
C HIS A 41 5.53 -24.35 1.17
N GLY A 42 4.85 -24.52 2.29
CA GLY A 42 3.52 -25.14 2.29
C GLY A 42 2.51 -24.25 1.57
N LYS A 43 2.52 -22.95 1.88
CA LYS A 43 1.59 -22.02 1.22
C LYS A 43 1.92 -21.92 -0.27
N ALA A 44 3.21 -21.96 -0.62
CA ALA A 44 3.61 -21.87 -2.02
C ALA A 44 3.10 -23.09 -2.78
N LEU A 45 3.19 -24.25 -2.15
CA LEU A 45 2.76 -25.49 -2.78
C LEU A 45 1.26 -25.45 -3.09
N ASP A 46 0.46 -25.15 -2.07
CA ASP A 46 -0.98 -24.99 -2.20
C ASP A 46 -1.33 -24.01 -3.32
N THR A 47 -0.69 -22.84 -3.32
CA THR A 47 -1.01 -21.80 -4.29
C THR A 47 -0.63 -22.20 -5.71
N SER A 48 0.48 -22.93 -5.84
CA SER A 48 0.99 -23.33 -7.15
C SER A 48 -0.02 -24.16 -7.96
N HIS A 49 -0.85 -24.94 -7.26
CA HIS A 49 -1.81 -25.80 -7.92
C HIS A 49 -2.88 -25.02 -8.67
N THR A 50 -3.13 -23.78 -8.22
CA THR A 50 -4.19 -22.94 -8.83
C THR A 50 -3.83 -22.47 -10.24
N ASN A 51 -2.57 -22.66 -10.64
CA ASN A 51 -2.19 -22.40 -12.02
C ASN A 51 -3.07 -23.16 -12.98
N VAL A 52 -3.50 -24.36 -12.58
CA VAL A 52 -4.31 -25.19 -13.46
C VAL A 52 -5.67 -24.55 -13.67
N MET A 53 -6.32 -24.21 -12.55
CA MET A 53 -7.65 -23.58 -12.61
C MET A 53 -7.63 -22.22 -13.31
N ALA A 54 -6.51 -21.51 -13.24
CA ALA A 54 -6.37 -20.12 -13.69
C ALA A 54 -5.86 -20.00 -15.12
N TYR A 55 -5.45 -21.13 -15.71
CA TYR A 55 -4.79 -21.12 -17.02
C TYR A 55 -3.50 -20.29 -17.03
N SER A 56 -2.79 -20.29 -15.90
CA SER A 56 -1.60 -19.48 -15.71
C SER A 56 -0.34 -20.34 -15.71
N ASN A 57 0.81 -19.69 -15.76
CA ASN A 57 2.08 -20.40 -15.59
C ASN A 57 3.04 -19.53 -14.78
N CYS A 58 2.71 -19.39 -13.50
CA CYS A 58 3.56 -18.71 -12.51
C CYS A 58 4.08 -19.70 -11.51
N LYS A 59 5.38 -19.75 -11.37
CA LYS A 59 6.01 -20.53 -10.31
C LYS A 59 5.68 -19.87 -8.97
N VAL A 60 5.42 -20.68 -7.96
CA VAL A 60 5.28 -20.18 -6.60
C VAL A 60 6.19 -21.03 -5.74
N SER A 61 7.16 -20.40 -5.10
CA SER A 61 8.12 -21.12 -4.27
C SER A 61 8.25 -20.44 -2.94
N GLY A 62 8.49 -21.20 -1.89
CA GLY A 62 8.80 -20.65 -0.59
C GLY A 62 10.30 -20.43 -0.44
N SER A 63 10.65 -19.59 0.54
CA SER A 63 12.02 -19.27 0.85
C SER A 63 12.18 -18.87 2.31
N ASN A 64 13.42 -19.47 2.92
CA ASN A 64 13.85 -18.98 4.23
C ASN A 64 15.22 -18.31 4.07
N THR A 65 15.55 -17.94 2.83
CA THR A 65 16.87 -17.42 2.54
C THR A 65 16.82 -16.05 1.88
N TYR A 66 17.36 -15.03 2.55
CA TYR A 66 17.33 -13.67 1.99
C TYR A 66 17.94 -13.53 0.61
N ASP A 67 18.95 -14.34 0.30
CA ASP A 67 19.64 -14.21 -0.98
C ASP A 67 18.73 -14.57 -2.15
N ASP A 68 17.60 -15.21 -1.88
CA ASP A 68 16.58 -15.41 -2.92
C ASP A 68 15.91 -14.12 -3.40
N LEU A 69 16.25 -12.99 -2.76
CA LEU A 69 15.92 -11.69 -3.34
C LEU A 69 16.61 -11.41 -4.67
N ALA A 70 17.68 -12.14 -4.99
CA ALA A 70 18.45 -11.89 -6.21
C ALA A 70 17.55 -11.96 -7.44
N GLY A 71 17.69 -10.97 -8.31
CA GLY A 71 16.91 -10.93 -9.52
C GLY A 71 15.47 -10.50 -9.35
N ALA A 72 15.07 -10.05 -8.14
CA ALA A 72 13.68 -9.63 -7.94
C ALA A 72 13.39 -8.38 -8.76
N ASP A 73 12.26 -8.39 -9.46
CA ASP A 73 11.75 -7.19 -10.11
C ASP A 73 10.86 -6.36 -9.22
N VAL A 74 10.09 -7.02 -8.37
CA VAL A 74 9.23 -6.37 -7.38
C VAL A 74 9.41 -7.05 -6.04
N VAL A 75 9.55 -6.26 -4.96
CA VAL A 75 9.64 -6.75 -3.59
C VAL A 75 8.53 -6.08 -2.77
N ILE A 76 7.73 -6.90 -2.10
CA ILE A 76 6.63 -6.42 -1.27
C ILE A 76 6.94 -6.78 0.16
N VAL A 77 7.10 -5.77 1.01
CA VAL A 77 7.53 -5.97 2.39
C VAL A 77 6.34 -5.83 3.31
N THR A 78 5.95 -6.95 3.91
CA THR A 78 4.95 -7.01 4.97
C THR A 78 5.49 -7.52 6.30
N ALA A 79 6.74 -7.99 6.32
CA ALA A 79 7.37 -8.50 7.54
C ALA A 79 7.46 -7.40 8.63
N GLY A 80 7.36 -7.82 9.88
CA GLY A 80 7.38 -6.90 10.99
C GLY A 80 6.56 -7.36 12.17
N PHE A 81 6.98 -6.97 13.37
CA PHE A 81 6.17 -7.23 14.56
C PHE A 81 4.88 -6.45 14.50
N THR A 82 3.80 -7.05 15.02
CA THR A 82 2.51 -6.37 15.18
C THR A 82 1.92 -6.49 16.59
N LYS A 83 2.46 -7.36 17.42
CA LYS A 83 1.98 -7.50 18.81
C LYS A 83 3.15 -7.64 19.80
N ASN A 93 2.34 -0.18 24.40
CA ASN A 93 2.19 0.76 23.30
C ASN A 93 2.60 0.12 21.96
N ARG A 94 1.85 0.46 20.91
CA ARG A 94 2.24 0.14 19.54
C ARG A 94 3.56 0.84 19.18
N ASP A 95 3.78 2.02 19.74
CA ASP A 95 5.03 2.77 19.58
C ASP A 95 6.27 1.96 19.99
N ASP A 96 6.13 1.05 20.94
CA ASP A 96 7.25 0.21 21.40
C ASP A 96 7.80 -0.68 20.28
N LEU A 97 6.97 -1.00 19.29
CA LEU A 97 7.38 -1.86 18.19
C LEU A 97 8.24 -1.09 17.19
N LEU A 98 8.19 0.24 17.24
CA LEU A 98 8.86 1.06 16.25
C LEU A 98 10.36 0.78 16.12
N PRO A 99 11.15 0.81 17.22
CA PRO A 99 12.56 0.45 17.10
C PRO A 99 12.81 -1.00 16.64
N LEU A 100 11.96 -1.96 16.96
CA LEU A 100 12.09 -3.34 16.50
C LEU A 100 11.92 -3.41 14.99
N ASN A 101 10.89 -2.75 14.50
CA ASN A 101 10.59 -2.80 13.07
C ASN A 101 11.59 -2.00 12.25
N ASN A 102 12.20 -0.98 12.84
CA ASN A 102 13.28 -0.25 12.19
C ASN A 102 14.43 -1.23 11.88
N LYS A 103 14.77 -2.08 12.86
CA LYS A 103 15.81 -3.09 12.71
C LYS A 103 15.47 -4.08 11.57
N ILE A 104 14.19 -4.44 11.46
CA ILE A 104 13.75 -5.32 10.38
C ILE A 104 13.90 -4.63 9.02
N MET A 105 13.50 -3.37 8.91
CA MET A 105 13.73 -2.59 7.67
C MET A 105 15.21 -2.48 7.36
N ILE A 106 16.05 -2.30 8.37
CA ILE A 106 17.47 -2.17 8.12
C ILE A 106 18.03 -3.46 7.49
N GLU A 107 17.66 -4.58 8.08
CA GLU A 107 18.10 -5.88 7.62
C GLU A 107 17.61 -6.14 6.20
N ILE A 108 16.33 -5.88 5.98
CA ILE A 108 15.77 -6.12 4.65
C ILE A 108 16.40 -5.19 3.60
N GLY A 109 16.66 -3.94 3.98
CA GLY A 109 17.27 -2.97 3.09
C GLY A 109 18.67 -3.37 2.67
N GLY A 110 19.45 -3.86 3.63
CA GLY A 110 20.77 -4.39 3.33
C GLY A 110 20.76 -5.50 2.29
N HIS A 111 19.79 -6.38 2.40
CA HIS A 111 19.67 -7.48 1.44
C HIS A 111 19.18 -7.00 0.08
N ILE A 112 18.32 -5.99 0.05
CA ILE A 112 17.89 -5.41 -1.21
C ILE A 112 19.07 -4.73 -1.91
N LYS A 113 19.88 -4.01 -1.14
CA LYS A 113 20.99 -3.28 -1.72
C LYS A 113 21.95 -4.24 -2.38
N LYS A 114 22.18 -5.38 -1.73
CA LYS A 114 23.14 -6.37 -2.19
C LYS A 114 22.59 -7.17 -3.36
N ASN A 115 21.34 -7.60 -3.26
CA ASN A 115 20.79 -8.63 -4.16
C ASN A 115 19.90 -8.14 -5.29
N CYS A 116 19.16 -7.05 -5.06
CA CYS A 116 18.23 -6.56 -6.08
C CYS A 116 18.07 -5.03 -6.06
N PRO A 117 19.17 -4.30 -6.25
CA PRO A 117 19.13 -2.83 -6.16
C PRO A 117 18.22 -2.16 -7.20
N ASN A 118 17.92 -2.86 -8.29
CA ASN A 118 17.05 -2.34 -9.36
C ASN A 118 15.58 -2.69 -9.17
N ALA A 119 15.26 -3.35 -8.06
CA ALA A 119 13.87 -3.79 -7.81
C ALA A 119 12.97 -2.60 -7.47
N PHE A 120 11.69 -2.73 -7.78
CA PHE A 120 10.65 -1.80 -7.35
C PHE A 120 10.08 -2.35 -6.04
N ILE A 121 10.07 -1.50 -5.02
CA ILE A 121 9.75 -1.88 -3.65
C ILE A 121 8.42 -1.28 -3.20
N ILE A 122 7.55 -2.13 -2.68
CA ILE A 122 6.29 -1.71 -2.03
C ILE A 122 6.35 -2.12 -0.56
N VAL A 123 6.26 -1.14 0.36
CA VAL A 123 6.30 -1.40 1.80
C VAL A 123 4.88 -1.31 2.38
N VAL A 124 4.61 -2.18 3.35
CA VAL A 124 3.30 -2.30 3.96
C VAL A 124 3.38 -2.22 5.49
N THR A 125 4.54 -2.60 6.02
CA THR A 125 4.73 -2.72 7.46
C THR A 125 4.28 -1.46 8.22
N ASN A 126 3.43 -1.64 9.23
CA ASN A 126 2.86 -0.54 10.00
C ASN A 126 3.91 0.06 10.95
N PRO A 127 3.96 1.39 11.10
CA PRO A 127 3.20 2.37 10.30
C PRO A 127 3.93 2.64 8.99
N VAL A 128 3.20 2.44 7.91
CA VAL A 128 3.79 2.35 6.58
C VAL A 128 4.55 3.62 6.14
N ASP A 129 4.06 4.79 6.48
CA ASP A 129 4.65 6.04 6.02
C ASP A 129 6.00 6.31 6.68
N VAL A 130 6.18 5.74 7.87
CA VAL A 130 7.48 5.71 8.52
C VAL A 130 8.37 4.60 7.93
N MET A 131 7.87 3.38 7.94
CA MET A 131 8.67 2.22 7.53
C MET A 131 9.16 2.29 6.10
N VAL A 132 8.37 2.86 5.20
CA VAL A 132 8.80 3.00 3.81
C VAL A 132 10.06 3.88 3.70
N GLN A 133 10.10 4.96 4.47
CA GLN A 133 11.23 5.87 4.42
C GLN A 133 12.47 5.21 5.04
N LEU A 134 12.28 4.48 6.12
CA LEU A 134 13.38 3.75 6.73
C LEU A 134 13.96 2.77 5.72
N LEU A 135 13.11 2.02 5.01
CA LEU A 135 13.62 1.08 4.04
C LEU A 135 14.27 1.78 2.85
N HIS A 136 13.71 2.91 2.42
CA HIS A 136 14.32 3.72 1.37
C HIS A 136 15.79 4.04 1.72
N GLN A 137 15.99 4.54 2.93
CA GLN A 137 17.31 5.01 3.37
C GLN A 137 18.33 3.87 3.49
N HIS A 138 17.88 2.70 3.92
CA HIS A 138 18.80 1.57 4.08
C HIS A 138 18.96 0.66 2.89
N SER A 139 18.05 0.76 1.93
CA SER A 139 18.14 -0.04 0.70
C SER A 139 18.94 0.66 -0.37
N GLY A 140 18.98 2.00 -0.30
CA GLY A 140 19.67 2.81 -1.28
C GLY A 140 18.98 2.97 -2.63
N VAL A 141 17.74 2.51 -2.78
CA VAL A 141 17.07 2.55 -4.08
C VAL A 141 16.67 3.98 -4.42
N PRO A 142 16.55 4.31 -5.69
CA PRO A 142 16.10 5.65 -6.07
C PRO A 142 14.71 5.98 -5.54
N LYS A 143 14.42 7.25 -5.35
CA LYS A 143 13.14 7.66 -4.79
C LYS A 143 11.95 7.21 -5.66
N ASN A 144 12.15 7.07 -6.97
CA ASN A 144 11.08 6.61 -7.86
C ASN A 144 10.83 5.09 -7.83
N LYS A 145 11.61 4.35 -7.04
CA LYS A 145 11.51 2.89 -7.01
C LYS A 145 11.04 2.31 -5.71
N ILE A 146 10.52 3.15 -4.82
CA ILE A 146 9.95 2.66 -3.58
C ILE A 146 8.76 3.48 -3.16
N ILE A 147 7.68 2.79 -2.83
CA ILE A 147 6.43 3.38 -2.34
C ILE A 147 5.82 2.59 -1.17
N GLY A 148 4.88 3.23 -0.51
CA GLY A 148 4.15 2.60 0.58
C GLY A 148 2.68 2.48 0.24
N LEU A 149 2.04 1.43 0.74
CA LEU A 149 0.60 1.28 0.66
C LEU A 149 -0.07 2.37 1.47
N GLY A 150 -1.19 2.89 0.97
CA GLY A 150 -2.10 3.68 1.78
C GLY A 150 -3.39 4.00 1.06
N GLY A 151 -3.29 4.99 0.20
CA GLY A 151 -4.44 5.64 -0.42
C GLY A 151 -5.30 4.72 -1.26
N VAL A 152 -4.71 3.76 -1.96
CA VAL A 152 -5.50 2.82 -2.73
C VAL A 152 -6.43 2.04 -1.82
N LEU A 153 -5.89 1.61 -0.69
CA LEU A 153 -6.67 0.86 0.28
C LEU A 153 -7.73 1.74 0.98
N ASP A 154 -7.30 2.88 1.51
CA ASP A 154 -8.24 3.72 2.26
C ASP A 154 -9.34 4.25 1.33
N THR A 155 -9.00 4.67 0.11
CA THR A 155 -10.02 5.11 -0.81
C THR A 155 -10.93 3.99 -1.32
N SER A 156 -10.46 2.73 -1.36
CA SER A 156 -11.35 1.65 -1.77
C SER A 156 -12.57 1.60 -0.84
N ARG A 157 -12.34 1.90 0.44
CA ARG A 157 -13.41 1.90 1.42
C ARG A 157 -14.38 3.02 1.13
N LEU A 158 -13.85 4.24 0.96
CA LEU A 158 -14.67 5.41 0.74
C LEU A 158 -15.49 5.31 -0.55
N LYS A 159 -14.81 4.90 -1.62
CA LYS A 159 -15.43 4.66 -2.92
C LYS A 159 -16.53 3.63 -2.81
N TYR A 160 -16.22 2.51 -2.15
CA TYR A 160 -17.19 1.43 -2.01
C TYR A 160 -18.46 1.88 -1.26
N TYR A 161 -18.28 2.50 -0.10
CA TYR A 161 -19.43 2.93 0.72
C TYR A 161 -20.32 3.92 -0.03
N ILE A 162 -19.72 4.87 -0.73
CA ILE A 162 -20.49 5.83 -1.51
C ILE A 162 -21.20 5.11 -2.65
N SER A 163 -20.53 4.16 -3.29
CA SER A 163 -21.12 3.47 -4.44
C SER A 163 -22.36 2.67 -4.04
N GLN A 164 -22.39 2.17 -2.80
CA GLN A 164 -23.54 1.37 -2.37
C GLN A 164 -24.71 2.29 -2.08
N LYS A 165 -24.44 3.48 -1.53
CA LYS A 165 -25.46 4.48 -1.30
C LYS A 165 -26.10 4.96 -2.59
N LEU A 166 -25.27 5.21 -3.60
CA LEU A 166 -25.73 5.80 -4.85
C LEU A 166 -26.15 4.75 -5.88
N ASN A 167 -25.95 3.47 -5.56
CA ASN A 167 -26.25 2.38 -6.47
C ASN A 167 -25.54 2.50 -7.82
N VAL A 168 -24.24 2.72 -7.76
CA VAL A 168 -23.42 2.74 -8.98
C VAL A 168 -22.25 1.77 -8.81
N CYS A 169 -21.62 1.46 -9.92
CA CYS A 169 -20.45 0.58 -9.95
C CYS A 169 -19.37 1.13 -9.03
N PRO A 170 -18.82 0.32 -8.13
CA PRO A 170 -17.84 0.87 -7.19
C PRO A 170 -16.66 1.66 -7.80
N ARG A 171 -16.11 1.17 -8.90
CA ARG A 171 -14.98 1.84 -9.59
C ARG A 171 -15.36 3.22 -10.16
N ASP A 172 -16.65 3.44 -10.38
CA ASP A 172 -17.11 4.74 -10.86
C ASP A 172 -17.09 5.83 -9.82
N VAL A 173 -16.90 5.49 -8.55
CA VAL A 173 -16.64 6.52 -7.55
C VAL A 173 -15.12 6.69 -7.41
N ASN A 174 -14.65 7.93 -7.51
CA ASN A 174 -13.23 8.23 -7.34
C ASN A 174 -13.08 9.19 -6.17
N ALA A 175 -11.98 9.09 -5.46
CA ALA A 175 -11.80 9.85 -4.23
C ALA A 175 -10.34 9.87 -3.86
N HIS A 176 -9.97 10.85 -3.03
CA HIS A 176 -8.60 11.09 -2.59
C HIS A 176 -8.53 11.18 -1.06
N ILE A 177 -7.67 10.34 -0.52
CA ILE A 177 -7.28 10.35 0.89
C ILE A 177 -5.75 10.44 0.88
N VAL A 178 -5.21 11.44 1.58
CA VAL A 178 -3.80 11.78 1.48
C VAL A 178 -3.14 11.95 2.84
N GLY A 179 -1.85 12.25 2.81
CA GLY A 179 -1.10 12.53 4.03
C GLY A 179 -0.46 11.30 4.61
N ALA A 180 -1.28 10.44 5.16
CA ALA A 180 -0.79 9.20 5.76
C ALA A 180 -1.88 8.16 5.77
N HIS A 181 -1.44 6.91 5.85
CA HIS A 181 -2.31 5.79 6.13
C HIS A 181 -2.53 5.93 7.65
N GLY A 182 -3.56 5.36 8.18
CA GLY A 182 -3.72 5.44 9.64
C GLY A 182 -4.67 6.55 10.03
N ASN A 183 -4.82 6.74 11.34
CA ASN A 183 -5.92 7.53 11.88
C ASN A 183 -5.88 9.00 11.51
N LYS A 184 -4.73 9.52 11.06
CA LYS A 184 -4.61 10.93 10.64
C LYS A 184 -4.79 11.09 9.12
N MET A 185 -5.27 10.03 8.44
CA MET A 185 -5.54 10.14 6.99
C MET A 185 -6.45 11.34 6.67
N VAL A 186 -6.21 12.00 5.54
CA VAL A 186 -6.93 13.23 5.19
C VAL A 186 -7.91 12.90 4.10
N LEU A 187 -9.19 12.89 4.44
CA LEU A 187 -10.24 12.59 3.48
C LEU A 187 -10.66 13.89 2.85
N LEU A 188 -10.57 13.98 1.53
CA LEU A 188 -10.84 15.21 0.84
C LEU A 188 -12.21 15.20 0.15
N LYS A 189 -13.24 15.70 0.84
CA LYS A 189 -14.61 15.78 0.30
C LYS A 189 -14.67 16.44 -1.08
N ARG A 190 -13.86 17.49 -1.27
CA ARG A 190 -13.84 18.26 -2.52
C ARG A 190 -13.41 17.44 -3.74
N TYR A 191 -12.68 16.35 -3.51
CA TYR A 191 -12.09 15.56 -4.60
C TYR A 191 -12.82 14.21 -4.79
N ILE A 192 -14.08 14.14 -4.36
CA ILE A 192 -14.90 12.97 -4.66
C ILE A 192 -15.74 13.18 -5.94
N THR A 193 -15.78 12.16 -6.80
CA THR A 193 -16.58 12.20 -8.03
C THR A 193 -17.29 10.88 -8.23
N VAL A 194 -18.36 10.93 -8.99
CA VAL A 194 -19.20 9.78 -9.29
C VAL A 194 -19.42 9.80 -10.80
N GLY A 195 -18.89 8.80 -11.50
CA GLY A 195 -18.90 8.83 -12.95
C GLY A 195 -18.22 10.06 -13.50
N GLY A 196 -17.24 10.59 -12.74
CA GLY A 196 -16.51 11.78 -13.16
C GLY A 196 -17.19 13.11 -12.85
N ILE A 197 -18.35 13.06 -12.20
CA ILE A 197 -19.14 14.21 -11.84
C ILE A 197 -18.86 14.58 -10.40
N PRO A 198 -18.75 15.86 -10.06
CA PRO A 198 -18.53 16.24 -8.65
C PRO A 198 -19.59 15.67 -7.74
N LEU A 199 -19.20 15.07 -6.61
CA LEU A 199 -20.13 14.56 -5.63
C LEU A 199 -21.13 15.64 -5.19
N GLN A 200 -20.72 16.91 -5.18
CA GLN A 200 -21.60 17.98 -4.73
C GLN A 200 -22.89 18.04 -5.53
N GLU A 201 -22.86 17.65 -6.81
CA GLU A 201 -24.08 17.63 -7.60
C GLU A 201 -25.10 16.64 -7.02
N PHE A 202 -24.59 15.50 -6.52
CA PHE A 202 -25.41 14.46 -5.90
C PHE A 202 -25.94 14.89 -4.50
N ILE A 203 -25.18 15.72 -3.82
CA ILE A 203 -25.62 16.30 -2.55
C ILE A 203 -26.72 17.33 -2.82
N ASN A 204 -26.48 18.24 -3.77
CA ASN A 204 -27.50 19.21 -4.25
C ASN A 204 -28.85 18.58 -4.58
N ASN A 205 -28.79 17.42 -5.24
CA ASN A 205 -29.96 16.63 -5.64
C ASN A 205 -30.58 15.74 -4.58
N LYS A 206 -30.03 15.80 -3.38
CA LYS A 206 -30.55 15.07 -2.23
C LYS A 206 -30.53 13.57 -2.44
N LEU A 207 -29.46 13.04 -3.53
CA LEU A 207 -29.22 11.62 -3.63
C LEU A 207 -28.34 11.11 -2.49
N ILE A 208 -27.57 12.02 -1.88
CA ILE A 208 -26.79 11.72 -0.69
C ILE A 208 -26.61 13.02 0.09
N SER A 209 -26.63 12.92 1.41
CA SER A 209 -26.56 14.09 2.25
C SER A 209 -25.17 14.26 2.85
N ASP A 210 -24.88 15.50 3.22
CA ASP A 210 -23.65 15.82 3.93
C ASP A 210 -23.50 14.99 5.20
N ALA A 211 -24.59 14.80 5.92
CA ALA A 211 -24.57 14.00 7.15
C ALA A 211 -24.24 12.51 6.91
N GLU A 212 -24.80 11.93 5.84
CA GLU A 212 -24.45 10.56 5.44
C GLU A 212 -22.96 10.44 5.15
N LEU A 213 -22.44 11.70 4.32
CA LEU A 213 -21.04 11.57 3.99
C LEU A 213 -20.13 11.60 5.20
N GLU A 214 -20.51 12.37 6.23
CA GLU A 214 -19.71 12.46 7.44
C GLU A 214 -19.64 11.09 8.11
N ALA A 215 -20.74 10.36 8.14
CA ALA A 215 -20.77 9.02 8.73
C ALA A 215 -19.90 8.07 7.91
N ILE A 216 -19.96 8.21 6.58
CA ILE A 216 -19.11 7.40 5.70
C ILE A 216 -17.62 7.72 5.89
N PHE A 217 -17.28 9.01 6.10
CA PHE A 217 -15.89 9.39 6.35
C PHE A 217 -15.39 8.73 7.63
N ASP A 218 -16.18 8.78 8.67
CA ASP A 218 -15.78 8.20 9.93
C ASP A 218 -15.64 6.69 9.82
N ARG A 219 -16.54 6.08 9.05
CA ARG A 219 -16.51 4.64 8.85
C ARG A 219 -15.22 4.25 8.08
N THR A 220 -14.85 5.08 7.12
CA THR A 220 -13.65 4.83 6.33
C THR A 220 -12.40 4.82 7.20
N VAL A 221 -12.26 5.86 8.03
CA VAL A 221 -11.10 5.97 8.92
C VAL A 221 -11.04 4.74 9.84
N ASN A 222 -12.20 4.29 10.31
CA ASN A 222 -12.26 3.23 11.32
C ASN A 222 -12.45 1.81 10.81
N THR A 223 -12.37 1.63 9.48
CA THR A 223 -12.75 0.36 8.88
C THR A 223 -11.93 -0.85 9.36
N ALA A 224 -10.62 -0.72 9.44
CA ALA A 224 -9.79 -1.83 9.90
C ALA A 224 -10.23 -2.24 11.31
N LEU A 225 -10.44 -1.24 12.17
CA LEU A 225 -10.95 -1.50 13.53
C LEU A 225 -12.34 -2.13 13.53
N GLU A 226 -13.23 -1.70 12.63
CA GLU A 226 -14.57 -2.26 12.55
C GLU A 226 -14.51 -3.77 12.23
N ILE A 227 -13.63 -4.15 11.31
CA ILE A 227 -13.51 -5.55 10.90
C ILE A 227 -12.89 -6.37 12.01
N VAL A 228 -11.89 -5.82 12.68
CA VAL A 228 -11.30 -6.48 13.85
C VAL A 228 -12.34 -6.70 14.95
N ASN A 229 -13.19 -5.70 15.19
CA ASN A 229 -14.26 -5.81 16.21
C ASN A 229 -15.35 -6.80 15.82
N LEU A 230 -15.46 -7.10 14.53
CA LEU A 230 -16.32 -8.15 14.05
C LEU A 230 -15.65 -9.53 14.05
N HIS A 231 -14.47 -9.64 14.64
CA HIS A 231 -13.74 -10.90 14.78
C HIS A 231 -13.26 -11.47 13.43
N ALA A 232 -12.86 -10.56 12.55
CA ALA A 232 -12.12 -10.94 11.34
C ALA A 232 -10.85 -10.12 11.26
N SER A 233 -9.97 -10.48 10.32
CA SER A 233 -8.71 -9.78 10.14
C SER A 233 -8.74 -9.21 8.73
N PRO A 234 -8.59 -7.87 8.60
CA PRO A 234 -8.78 -7.20 7.31
C PRO A 234 -7.55 -7.19 6.42
N TYR A 235 -7.17 -8.37 5.90
CA TYR A 235 -6.03 -8.49 5.01
C TYR A 235 -6.35 -8.67 3.54
N VAL A 236 -7.60 -8.95 3.18
CA VAL A 236 -7.92 -9.20 1.78
C VAL A 236 -7.85 -7.91 0.93
N ALA A 237 -8.52 -6.83 1.36
CA ALA A 237 -8.45 -5.58 0.60
C ALA A 237 -7.03 -5.01 0.53
N PRO A 238 -6.28 -5.00 1.63
CA PRO A 238 -4.86 -4.65 1.53
C PRO A 238 -4.12 -5.44 0.44
N ALA A 239 -4.32 -6.74 0.36
CA ALA A 239 -3.66 -7.56 -0.65
C ALA A 239 -4.03 -7.08 -2.05
N ALA A 240 -5.31 -6.84 -2.30
CA ALA A 240 -5.77 -6.45 -3.63
C ALA A 240 -5.24 -5.07 -4.03
N ALA A 241 -5.20 -4.14 -3.08
CA ALA A 241 -4.63 -2.81 -3.34
C ALA A 241 -3.16 -2.90 -3.72
N ILE A 242 -2.38 -3.71 -3.00
CA ILE A 242 -0.96 -3.89 -3.30
C ILE A 242 -0.76 -4.47 -4.69
N ILE A 243 -1.57 -5.46 -5.04
CA ILE A 243 -1.46 -6.08 -6.35
C ILE A 243 -1.87 -5.11 -7.48
N GLU A 244 -2.81 -4.21 -7.22
CA GLU A 244 -3.16 -3.19 -8.21
C GLU A 244 -1.96 -2.28 -8.46
N MET A 245 -1.24 -1.93 -7.40
CA MET A 245 -0.04 -1.09 -7.49
C MET A 245 1.07 -1.83 -8.26
N ALA A 246 1.34 -3.06 -7.86
CA ALA A 246 2.39 -3.88 -8.45
C ALA A 246 2.12 -4.13 -9.92
N GLU A 247 0.86 -4.37 -10.25
CA GLU A 247 0.47 -4.63 -11.62
C GLU A 247 0.67 -3.40 -12.52
N SER A 248 0.39 -2.21 -11.99
CA SER A 248 0.54 -0.98 -12.77
C SER A 248 1.99 -0.79 -13.15
N TYR A 249 2.89 -1.11 -12.21
CA TYR A 249 4.32 -1.08 -12.47
C TYR A 249 4.72 -2.11 -13.53
N LEU A 250 4.34 -3.36 -13.30
CA LEU A 250 4.78 -4.48 -14.11
C LEU A 250 4.30 -4.38 -15.57
N LYS A 251 3.10 -3.84 -15.75
CA LYS A 251 2.46 -3.79 -17.07
C LYS A 251 2.52 -2.40 -17.68
N ASP A 252 3.20 -1.48 -16.99
CA ASP A 252 3.33 -0.11 -17.46
C ASP A 252 1.96 0.50 -17.77
N LEU A 253 1.03 0.35 -16.84
CA LEU A 253 -0.31 0.87 -17.01
C LEU A 253 -0.40 2.40 -16.84
N LYS A 254 0.50 2.97 -16.04
CA LYS A 254 0.51 4.39 -15.73
C LYS A 254 -0.79 4.85 -15.05
N LYS A 255 -1.33 3.98 -14.19
CA LYS A 255 -2.46 4.36 -13.36
C LYS A 255 -2.08 5.41 -12.34
N VAL A 256 -3.04 6.30 -12.07
CA VAL A 256 -2.98 7.23 -10.99
C VAL A 256 -3.47 6.50 -9.73
N LEU A 257 -2.57 6.32 -8.79
CA LEU A 257 -2.85 5.57 -7.56
C LEU A 257 -2.21 6.31 -6.39
N ILE A 258 -2.93 6.41 -5.28
CA ILE A 258 -2.44 7.21 -4.14
C ILE A 258 -1.59 6.30 -3.30
N CYS A 259 -0.34 6.70 -3.13
CA CYS A 259 0.65 5.92 -2.44
C CYS A 259 1.53 6.83 -1.64
N SER A 260 2.23 6.23 -0.68
CA SER A 260 3.24 6.95 0.07
C SER A 260 4.53 7.07 -0.75
N THR A 261 5.02 8.30 -0.89
CA THR A 261 6.18 8.59 -1.71
C THR A 261 6.97 9.72 -1.11
N LEU A 262 8.26 9.80 -1.44
CA LEU A 262 9.11 10.90 -0.94
C LEU A 262 8.61 12.27 -1.44
N LEU A 263 8.29 13.14 -0.49
CA LEU A 263 7.92 14.51 -0.77
C LEU A 263 9.19 15.37 -0.83
N GLU A 264 9.29 16.18 -1.87
CA GLU A 264 10.41 17.09 -2.11
C GLU A 264 9.89 18.53 -2.24
N GLY A 265 8.93 18.90 -1.40
CA GLY A 265 8.38 20.25 -1.36
C GLY A 265 6.88 20.32 -1.63
N GLN A 266 6.30 19.21 -2.08
CA GLN A 266 4.85 19.19 -2.35
C GLN A 266 4.17 19.38 -1.02
N TYR A 267 3.12 20.18 -1.02
CA TYR A 267 2.36 20.51 0.17
C TYR A 267 3.20 21.24 1.22
N GLY A 268 4.31 21.83 0.78
CA GLY A 268 5.27 22.48 1.67
C GLY A 268 6.16 21.56 2.47
N HIS A 269 6.21 20.27 2.11
CA HIS A 269 6.92 19.27 2.89
C HIS A 269 8.05 18.61 2.13
N SER A 270 9.17 18.42 2.82
CA SER A 270 10.34 17.72 2.28
C SER A 270 10.87 16.72 3.32
N ASP A 271 11.68 15.81 2.83
CA ASP A 271 12.46 14.88 3.65
C ASP A 271 11.62 13.95 4.48
N ILE A 272 10.41 13.54 3.82
CA ILE A 272 9.46 12.73 4.55
C ILE A 272 8.65 12.06 3.46
N PHE A 273 8.11 10.89 3.75
CA PHE A 273 7.14 10.24 2.85
C PHE A 273 5.71 10.54 3.30
N GLY A 274 4.85 10.79 2.33
CA GLY A 274 3.44 10.98 2.59
C GLY A 274 2.58 10.49 1.44
N GLY A 275 1.30 10.27 1.75
CA GLY A 275 0.32 9.81 0.77
C GLY A 275 -0.11 10.88 -0.20
N THR A 276 0.04 10.58 -1.49
CA THR A 276 -0.39 11.48 -2.54
C THR A 276 -0.59 10.69 -3.84
N PRO A 277 -1.47 11.15 -4.76
CA PRO A 277 -1.54 10.50 -6.07
C PRO A 277 -0.20 10.52 -6.78
N VAL A 278 0.18 9.35 -7.29
CA VAL A 278 1.35 9.20 -8.15
C VAL A 278 0.92 8.41 -9.36
N VAL A 279 1.76 8.42 -10.40
CA VAL A 279 1.53 7.62 -11.59
C VAL A 279 2.55 6.48 -11.58
N LEU A 280 2.06 5.24 -11.61
CA LEU A 280 2.95 4.07 -11.57
C LEU A 280 3.05 3.42 -12.94
N GLY A 281 4.26 3.32 -13.45
CA GLY A 281 4.50 2.63 -14.70
C GLY A 281 5.84 1.96 -14.71
N ALA A 282 6.38 1.72 -15.90
CA ALA A 282 7.63 0.98 -16.03
C ALA A 282 8.83 1.63 -15.36
N ASN A 283 8.80 2.95 -15.20
CA ASN A 283 9.89 3.64 -14.54
C ASN A 283 9.58 3.88 -13.08
N GLY A 284 8.65 3.12 -12.51
CA GLY A 284 8.27 3.28 -11.12
C GLY A 284 7.29 4.41 -10.92
N VAL A 285 7.61 5.29 -9.96
CA VAL A 285 6.88 6.52 -9.72
C VAL A 285 7.29 7.48 -10.84
N GLU A 286 6.48 7.54 -11.89
CA GLU A 286 6.81 8.36 -13.07
C GLU A 286 6.49 9.81 -12.89
N GLN A 287 5.40 10.12 -11.94
CA GLN A 287 4.96 11.46 -11.65
C GLN A 287 4.45 11.47 -10.23
N VAL A 288 4.78 12.53 -9.49
CA VAL A 288 4.15 12.79 -8.20
C VAL A 288 3.17 13.92 -8.44
N ILE A 289 1.89 13.67 -8.18
CA ILE A 289 0.87 14.68 -8.39
C ILE A 289 0.56 15.38 -7.08
N GLU A 290 0.67 16.71 -7.11
CA GLU A 290 0.40 17.53 -5.96
C GLU A 290 -1.00 18.12 -6.10
N LEU A 291 -1.91 17.70 -5.24
CA LEU A 291 -3.24 18.29 -5.23
C LEU A 291 -3.13 19.73 -4.76
N GLN A 292 -3.89 20.60 -5.40
CA GLN A 292 -3.90 22.03 -5.06
C GLN A 292 -4.86 22.25 -3.88
N LEU A 293 -4.41 21.76 -2.72
CA LEU A 293 -5.16 21.85 -1.46
C LEU A 293 -5.34 23.30 -1.02
N ASN A 294 -6.48 23.60 -0.39
CA ASN A 294 -6.70 24.87 0.30
C ASN A 294 -6.08 24.84 1.69
N SER A 295 -6.16 25.95 2.42
CA SER A 295 -5.39 26.02 3.70
C SER A 295 -5.94 25.06 4.75
N GLU A 296 -7.25 24.81 4.71
CA GLU A 296 -7.89 23.96 5.70
C GLU A 296 -7.49 22.48 5.46
N GLU A 297 -7.40 22.10 4.19
CA GLU A 297 -6.98 20.75 3.83
C GLU A 297 -5.51 20.58 4.16
N LYS A 298 -4.70 21.60 3.85
CA LYS A 298 -3.27 21.56 4.15
C LYS A 298 -3.02 21.41 5.62
N ALA A 299 -3.81 22.06 6.45
CA ALA A 299 -3.63 21.93 7.89
C ALA A 299 -3.77 20.48 8.33
N LYS A 300 -4.73 19.76 7.74
CA LYS A 300 -4.90 18.34 8.09
C LYS A 300 -3.75 17.50 7.55
N PHE A 301 -3.26 17.84 6.36
CA PHE A 301 -2.10 17.18 5.80
C PHE A 301 -0.91 17.36 6.74
N ASP A 302 -0.76 18.57 7.27
CA ASP A 302 0.33 18.86 8.20
C ASP A 302 0.28 17.98 9.45
N GLU A 303 -0.92 17.75 9.99
CA GLU A 303 -1.09 16.89 11.17
C GLU A 303 -0.67 15.46 10.86
N ALA A 304 -1.00 14.99 9.65
CA ALA A 304 -0.63 13.64 9.25
C ALA A 304 0.88 13.50 9.15
N ILE A 305 1.54 14.49 8.54
CA ILE A 305 2.99 14.49 8.46
C ILE A 305 3.61 14.54 9.85
N ALA A 306 3.06 15.37 10.74
CA ALA A 306 3.64 15.51 12.09
C ALA A 306 3.64 14.19 12.85
N GLU A 307 2.59 13.40 12.64
CA GLU A 307 2.46 12.12 13.32
C GLU A 307 3.46 11.11 12.76
N THR A 308 3.64 11.08 11.42
CA THR A 308 4.68 10.28 10.82
C THR A 308 6.06 10.63 11.39
N LYS A 309 6.36 11.93 11.49
CA LYS A 309 7.63 12.39 12.02
C LYS A 309 7.81 12.00 13.48
N ARG A 310 6.74 12.09 14.25
CA ARG A 310 6.78 11.70 15.68
C ARG A 310 7.18 10.23 15.82
N MET A 311 6.55 9.37 15.04
CA MET A 311 6.87 7.95 15.07
C MET A 311 8.23 7.63 14.48
N LYS A 312 8.66 8.37 13.46
CA LYS A 312 9.96 8.15 12.84
C LYS A 312 11.05 8.39 13.89
N ALA A 313 10.84 9.41 14.71
CA ALA A 313 11.79 9.75 15.77
C ALA A 313 11.92 8.66 16.86
N LEU A 314 10.80 8.01 17.18
CA LEU A 314 10.81 6.89 18.12
C LEU A 314 11.45 5.61 17.56
N ALA A 315 11.53 5.50 16.24
CA ALA A 315 11.95 4.27 15.59
C ALA A 315 13.47 4.02 15.68
N HIS A 316 14.26 5.06 15.84
CA HIS A 316 15.72 4.91 15.68
C HIS A 316 16.41 4.13 16.82
N HIS A 317 16.06 4.45 18.06
CA HIS A 317 16.77 3.89 19.22
C HIS A 317 15.88 3.20 20.25
N HIS A 318 16.46 2.24 20.95
CA HIS A 318 15.79 1.62 22.10
C HIS A 318 16.01 2.42 23.37
C1 NDD B . -1.78 -7.65 6.95
C2 NDD B . -2.49 -8.53 7.79
C3 NDD B . -3.64 -8.12 8.47
C4 NDD B . -4.09 -6.81 8.34
C4A NDD B . -3.41 -5.91 7.53
C5 NDD B . -3.84 -4.59 7.39
C6 NDD B . -3.15 -3.70 6.59
C7 NDD B . -2.01 -4.11 5.89
C8 NDD B . -1.56 -5.41 5.98
C8A NDD B . -2.21 -6.34 6.79
C2' NDD B . -2.04 -9.95 7.92
O1' NDD B . -2.37 -10.65 8.89
O2' NDD B . -1.24 -10.42 7.01
C6' NDD B . -3.62 -2.30 6.51
O3' NDD B . -4.74 -1.94 6.88
O4' NDD B . -2.73 -1.43 6.06
C1 MPD C . -1.59 -3.35 10.35
C2 MPD C . -0.51 -4.42 10.35
O2 MPD C . 0.41 -4.14 11.44
CM MPD C . -1.12 -5.79 10.68
C3 MPD C . 0.12 -4.47 8.95
C4 MPD C . 1.64 -4.52 8.71
O4 MPD C . 2.44 -4.61 9.89
C5 MPD C . 1.99 -5.59 7.68
C1 MPD D . -5.04 -1.44 14.77
C2 MPD D . -6.19 -2.38 14.44
O2 MPD D . -6.14 -3.48 15.39
CM MPD D . -7.52 -1.64 14.59
C3 MPD D . -6.11 -2.92 13.01
C4 MPD D . -5.13 -4.06 12.82
O4 MPD D . -5.47 -5.17 13.64
C5 MPD D . -5.08 -4.55 11.38
#